data_6ZRK
#
_entry.id   6ZRK
#
_cell.length_a   98.739
_cell.length_b   98.739
_cell.length_c   350.383
_cell.angle_alpha   90.000
_cell.angle_beta   90.000
_cell.angle_gamma   120.000
#
_symmetry.space_group_name_H-M   'H 3 2'
#
loop_
_entity.id
_entity.type
_entity.pdbx_description
1 polymer Hemagglutinin
2 polymer Hemagglutinin
3 branched alpha-D-mannopyranose-(1-3)-[alpha-D-mannopyranose-(1-6)]beta-D-mannopyranose-(1-4)-2-acetamido-2-deoxy-beta-D-glucopyranose-(1-4)-[alpha-L-fucopyranose-(1-6)]2-acetamido-2-deoxy-beta-D-glucopyranose
4 branched 2-acetamido-2-deoxy-beta-D-glucopyranose-(1-4)-2-acetamido-2-deoxy-beta-D-glucopyranose
5 non-polymer 2-acetamido-2-deoxy-beta-D-glucopyranose
6 water water
#
loop_
_entity_poly.entity_id
_entity_poly.type
_entity_poly.pdbx_seq_one_letter_code
_entity_poly.pdbx_strand_id
1 'polypeptide(L)'
;DPDRICIGYQSNNSTDTVNTLIEQNVPVTQTMELVETEKHPAYCNTDLGTPLELRDCKIEAVIYGNPKCDIHLKDQGWSY
IVERPSAPEGMCYPGSVENLEELRFVFSNAASYKRIRLFDYSRWNVTSSGTSKACNASTGGQAFYRSINWLTKKKPDTYD
FNEGSYVNNEDGDIIFLWGIHHPPNTKEQTTLYKNANTLSSVTTNTINRSFQPNIGPRPLVRGQQGRMDYYWGILKRGET
LKIRTNGNLIAPEFGYLLKGESHGRIIQNEDIPIGNCHTKCQTYAGAINSSKPFQNASRHYMGECPKYVKKASLRLAVGL
RNTPSIEP
;
C
2 'polypeptide(L)'
;GLFGAIAGFIEGGWSGMIDGWYGFHHSNSEGTGMAADQKSTQEAIDKITNKVNNIVDKMNREFEVVNHEFSEVEKRINMI
NDKIDDQIEDLWAYNAELLVLLENQKTLDEHDSNVKNLFDEVKRRLSTNAIDAGNGCFDILHKCNNECMETIKNGTYNHK
EY
;
D
#
loop_
_chem_comp.id
_chem_comp.type
_chem_comp.name
_chem_comp.formula
BMA D-saccharide, beta linking beta-D-mannopyranose 'C6 H12 O6'
FUC L-saccharide, alpha linking alpha-L-fucopyranose 'C6 H12 O5'
MAN D-saccharide, alpha linking alpha-D-mannopyranose 'C6 H12 O6'
NAG D-saccharide, beta linking 2-acetamido-2-deoxy-beta-D-glucopyranose 'C8 H15 N O6'
#
# COMPACT_ATOMS: atom_id res chain seq x y z
N ASP A 1 55.24 -14.73 32.30
CA ASP A 1 55.91 -16.06 32.47
C ASP A 1 54.86 -17.17 32.61
N PRO A 2 53.86 -17.08 33.52
CA PRO A 2 52.85 -18.14 33.60
C PRO A 2 52.03 -18.24 32.31
N ASP A 3 51.59 -19.45 31.97
CA ASP A 3 50.68 -19.72 30.83
C ASP A 3 49.36 -18.99 31.11
N ARG A 4 48.75 -18.40 30.08
CA ARG A 4 47.59 -17.48 30.23
C ARG A 4 46.49 -17.86 29.23
N ILE A 5 45.23 -17.76 29.66
CA ILE A 5 44.03 -17.84 28.78
C ILE A 5 43.12 -16.64 29.10
N CYS A 6 42.61 -15.97 28.05
CA CYS A 6 41.80 -14.74 28.14
C CYS A 6 40.50 -14.92 27.35
N ILE A 7 39.40 -14.39 27.89
CA ILE A 7 38.10 -14.27 27.19
C ILE A 7 38.03 -12.87 26.57
N GLY A 8 37.59 -12.78 25.31
CA GLY A 8 37.43 -11.52 24.58
C GLY A 8 36.21 -11.55 23.68
N TYR A 9 35.90 -10.41 23.07
CA TYR A 9 34.75 -10.23 22.15
C TYR A 9 35.20 -9.35 20.98
N GLN A 10 34.37 -9.31 19.93
CA GLN A 10 34.67 -8.63 18.65
C GLN A 10 34.63 -7.10 18.84
N SER A 11 35.64 -6.41 18.31
CA SER A 11 35.62 -4.98 17.91
C SER A 11 35.83 -4.91 16.39
N ASN A 12 35.24 -3.94 15.71
CA ASN A 12 35.45 -3.75 14.24
C ASN A 12 35.35 -2.25 13.91
N ASN A 13 35.46 -1.91 12.63
CA ASN A 13 35.55 -0.52 12.12
C ASN A 13 34.16 -0.02 11.70
N SER A 14 33.10 -0.77 12.02
CA SER A 14 31.69 -0.37 11.77
C SER A 14 31.46 1.03 12.34
N THR A 15 30.81 1.91 11.56
CA THR A 15 30.36 3.26 11.98
C THR A 15 28.87 3.22 12.33
N ASP A 16 28.23 2.05 12.25
CA ASP A 16 26.78 1.87 12.53
C ASP A 16 26.50 2.22 13.99
N THR A 17 25.42 2.96 14.25
CA THR A 17 24.93 3.26 15.62
C THR A 17 23.43 2.95 15.70
N VAL A 18 22.94 2.61 16.89
CA VAL A 18 21.50 2.36 17.17
C VAL A 18 21.08 3.25 18.34
N ASN A 19 19.78 3.44 18.49
CA ASN A 19 19.16 4.08 19.68
C ASN A 19 18.53 2.96 20.51
N THR A 20 18.73 3.00 21.83
CA THR A 20 18.04 2.14 22.82
C THR A 20 17.15 3.06 23.66
N LEU A 21 16.31 2.49 24.52
CA LEU A 21 15.40 3.29 25.38
C LEU A 21 16.24 4.22 26.27
N ILE A 22 17.45 3.82 26.66
CA ILE A 22 18.27 4.52 27.70
C ILE A 22 19.51 5.19 27.09
N GLU A 23 19.72 5.11 25.78
CA GLU A 23 21.01 5.49 25.15
C GLU A 23 20.82 5.85 23.68
N GLN A 24 21.37 7.01 23.26
CA GLN A 24 21.34 7.48 21.85
C GLN A 24 22.69 7.18 21.19
N ASN A 25 22.67 6.75 19.92
CA ASN A 25 23.83 6.63 19.01
C ASN A 25 24.88 5.67 19.61
N VAL A 26 24.44 4.50 20.06
CA VAL A 26 25.36 3.44 20.59
C VAL A 26 26.02 2.77 19.39
N PRO A 27 27.36 2.77 19.29
CA PRO A 27 28.05 2.06 18.23
C PRO A 27 27.88 0.54 18.42
N VAL A 28 27.53 -0.20 17.38
CA VAL A 28 27.41 -1.68 17.45
C VAL A 28 28.00 -2.32 16.18
N THR A 29 28.52 -3.53 16.33
CA THR A 29 29.42 -4.22 15.36
C THR A 29 28.65 -4.60 14.09
N GLN A 30 27.38 -4.99 14.22
CA GLN A 30 26.48 -5.37 13.09
C GLN A 30 25.07 -4.84 13.39
N THR A 31 24.43 -4.20 12.41
CA THR A 31 23.03 -3.71 12.51
C THR A 31 22.27 -4.10 11.24
N MET A 32 20.95 -3.93 11.24
CA MET A 32 20.13 -3.97 10.00
C MET A 32 19.12 -2.81 10.02
N GLU A 33 19.00 -2.13 8.88
CA GLU A 33 17.97 -1.08 8.64
C GLU A 33 16.63 -1.79 8.38
N LEU A 34 15.57 -1.37 9.06
CA LEU A 34 14.22 -2.00 8.96
C LEU A 34 13.30 -1.19 8.05
N VAL A 35 13.65 0.07 7.71
CA VAL A 35 12.83 0.96 6.85
C VAL A 35 13.43 0.99 5.44
N GLU A 36 12.65 0.56 4.44
CA GLU A 36 12.99 0.70 3.00
C GLU A 36 12.66 2.12 2.54
N THR A 37 13.67 2.85 2.06
CA THR A 37 13.54 4.26 1.59
C THR A 37 13.73 4.33 0.06
N GLU A 38 14.16 3.23 -0.58
CA GLU A 38 14.30 3.15 -2.05
C GLU A 38 12.95 2.76 -2.66
N LYS A 39 12.55 3.44 -3.73
CA LYS A 39 11.40 3.03 -4.58
C LYS A 39 11.65 3.49 -6.02
N HIS A 40 10.91 2.89 -6.95
CA HIS A 40 10.86 3.25 -8.39
C HIS A 40 9.66 4.17 -8.60
N PRO A 41 9.87 5.49 -8.80
CA PRO A 41 8.76 6.44 -8.91
C PRO A 41 8.03 6.32 -10.27
N ALA A 42 7.27 5.23 -10.40
CA ALA A 42 6.39 4.93 -11.56
C ALA A 42 5.20 4.10 -11.06
N TYR A 43 4.12 4.09 -11.84
CA TYR A 43 2.94 3.20 -11.64
C TYR A 43 3.11 1.97 -12.54
N CYS A 44 3.46 0.84 -11.92
CA CYS A 44 3.88 -0.42 -12.60
C CYS A 44 2.70 -1.37 -12.70
N ASN A 45 2.88 -2.46 -13.47
CA ASN A 45 1.95 -3.60 -13.52
C ASN A 45 2.07 -4.38 -12.21
N THR A 46 0.97 -4.98 -11.76
CA THR A 46 0.93 -5.95 -10.63
C THR A 46 0.49 -7.30 -11.21
N ASP A 47 0.29 -8.30 -10.33
CA ASP A 47 -0.22 -9.64 -10.72
C ASP A 47 -1.68 -9.54 -11.17
N LEU A 48 -2.37 -8.43 -10.86
CA LEU A 48 -3.78 -8.19 -11.29
C LEU A 48 -3.81 -7.45 -12.65
N GLY A 49 -2.64 -7.07 -13.18
CA GLY A 49 -2.50 -6.54 -14.56
C GLY A 49 -2.01 -5.10 -14.59
N THR A 50 -2.39 -4.37 -15.64
CA THR A 50 -1.86 -3.02 -16.01
C THR A 50 -2.79 -1.94 -15.47
N PRO A 51 -2.26 -0.83 -14.92
CA PRO A 51 -3.09 0.30 -14.52
C PRO A 51 -3.71 1.00 -15.74
N LEU A 52 -4.98 1.40 -15.63
CA LEU A 52 -5.69 2.25 -16.62
C LEU A 52 -5.39 3.72 -16.30
N GLU A 53 -4.63 4.40 -17.16
CA GLU A 53 -4.30 5.84 -17.00
C GLU A 53 -5.38 6.66 -17.71
N LEU A 54 -5.97 7.61 -16.98
CA LEU A 54 -7.00 8.55 -17.49
C LEU A 54 -6.40 9.97 -17.46
N ARG A 55 -5.76 10.37 -18.57
CA ARG A 55 -5.06 11.67 -18.74
C ARG A 55 -6.07 12.75 -19.13
N ASP A 56 -7.08 12.37 -19.92
CA ASP A 56 -7.98 13.30 -20.64
C ASP A 56 -9.38 13.29 -20.00
N CYS A 57 -9.81 12.16 -19.45
CA CYS A 57 -11.20 11.87 -19.04
C CYS A 57 -11.25 11.35 -17.61
N LYS A 58 -12.13 11.91 -16.78
CA LYS A 58 -12.51 11.34 -15.45
C LYS A 58 -13.35 10.09 -15.69
N ILE A 59 -13.52 9.24 -14.68
CA ILE A 59 -14.17 7.90 -14.79
C ILE A 59 -15.61 8.09 -15.30
N GLU A 60 -16.36 9.03 -14.76
CA GLU A 60 -17.79 9.27 -15.13
C GLU A 60 -17.88 9.65 -16.62
N ALA A 61 -16.88 10.37 -17.15
CA ALA A 61 -16.81 10.78 -18.58
C ALA A 61 -16.70 9.53 -19.47
N VAL A 62 -15.91 8.54 -19.06
CA VAL A 62 -15.72 7.25 -19.77
C VAL A 62 -17.03 6.44 -19.71
N ILE A 63 -17.61 6.31 -18.52
CA ILE A 63 -18.83 5.48 -18.26
C ILE A 63 -19.99 6.04 -19.09
N TYR A 64 -20.27 7.34 -18.98
CA TYR A 64 -21.38 8.02 -19.69
C TYR A 64 -21.03 8.21 -21.16
N GLY A 65 -19.74 8.17 -21.51
CA GLY A 65 -19.25 8.20 -22.90
C GLY A 65 -19.24 9.61 -23.45
N ASN A 66 -18.62 10.54 -22.71
CA ASN A 66 -18.28 11.91 -23.18
C ASN A 66 -17.60 11.76 -24.55
N PRO A 67 -18.12 12.40 -25.62
CA PRO A 67 -17.64 12.14 -26.98
C PRO A 67 -16.19 12.59 -27.29
N LYS A 68 -15.47 13.13 -26.30
CA LYS A 68 -14.01 13.43 -26.40
C LYS A 68 -13.19 12.23 -25.87
N CYS A 69 -13.85 11.17 -25.40
CA CYS A 69 -13.22 10.02 -24.68
C CYS A 69 -13.41 8.72 -25.47
N ASP A 70 -13.53 8.79 -26.80
CA ASP A 70 -13.88 7.64 -27.68
C ASP A 70 -12.78 6.58 -27.63
N ILE A 71 -11.54 6.96 -27.27
CA ILE A 71 -10.38 6.04 -27.10
C ILE A 71 -10.72 4.98 -26.03
N HIS A 72 -11.61 5.29 -25.08
CA HIS A 72 -11.97 4.41 -23.92
C HIS A 72 -13.25 3.62 -24.19
N LEU A 73 -13.88 3.75 -25.37
CA LEU A 73 -15.12 3.02 -25.73
C LEU A 73 -14.83 1.51 -25.82
N LYS A 74 -13.59 1.14 -26.13
CA LYS A 74 -13.16 -0.28 -26.29
C LYS A 74 -13.31 -1.02 -24.95
N ASP A 75 -13.64 -2.30 -24.99
CA ASP A 75 -13.66 -3.20 -23.81
C ASP A 75 -12.25 -3.20 -23.20
N GLN A 76 -12.16 -3.06 -21.87
CA GLN A 76 -10.90 -2.76 -21.14
C GLN A 76 -10.89 -3.47 -19.78
N GLY A 77 -9.69 -3.74 -19.27
CA GLY A 77 -9.43 -4.23 -17.90
C GLY A 77 -8.27 -3.48 -17.28
N TRP A 78 -8.15 -3.56 -15.95
CA TRP A 78 -7.11 -2.81 -15.17
C TRP A 78 -6.89 -3.51 -13.82
N SER A 79 -5.72 -3.25 -13.22
CA SER A 79 -5.35 -3.61 -11.83
C SER A 79 -5.73 -2.45 -10.89
N TYR A 80 -5.57 -1.21 -11.36
CA TYR A 80 -5.99 0.02 -10.65
C TYR A 80 -6.12 1.17 -11.65
N ILE A 81 -6.71 2.29 -11.22
CA ILE A 81 -6.95 3.48 -12.09
C ILE A 81 -6.07 4.64 -11.60
N VAL A 82 -5.32 5.24 -12.51
CA VAL A 82 -4.57 6.52 -12.30
C VAL A 82 -5.36 7.61 -13.03
N GLU A 83 -6.09 8.43 -12.26
CA GLU A 83 -6.89 9.56 -12.78
C GLU A 83 -6.10 10.85 -12.56
N ARG A 84 -5.55 11.43 -13.64
CA ARG A 84 -4.79 12.70 -13.58
C ARG A 84 -5.76 13.81 -13.15
N PRO A 85 -5.49 14.53 -12.04
CA PRO A 85 -6.31 15.66 -11.62
C PRO A 85 -6.60 16.68 -12.75
N SER A 86 -5.65 16.88 -13.66
CA SER A 86 -5.70 17.85 -14.78
C SER A 86 -6.69 17.40 -15.87
N ALA A 87 -7.07 16.12 -15.90
CA ALA A 87 -8.04 15.55 -16.87
C ALA A 87 -9.23 16.48 -17.00
N PRO A 88 -9.36 17.21 -18.14
CA PRO A 88 -10.40 18.24 -18.29
C PRO A 88 -11.83 17.71 -18.44
N GLU A 89 -12.03 16.57 -19.12
CA GLU A 89 -13.37 16.09 -19.55
C GLU A 89 -14.05 15.33 -18.40
N GLY A 90 -15.20 15.86 -17.94
CA GLY A 90 -16.14 15.18 -17.04
C GLY A 90 -17.48 14.99 -17.73
N MET A 91 -18.58 15.43 -17.11
CA MET A 91 -19.91 15.50 -17.76
C MET A 91 -19.95 16.76 -18.62
N CYS A 92 -20.11 16.60 -19.94
CA CYS A 92 -20.00 17.71 -20.92
C CYS A 92 -21.24 18.61 -20.84
N TYR A 93 -22.44 18.04 -20.77
CA TYR A 93 -23.70 18.82 -20.58
C TYR A 93 -23.89 19.09 -19.09
N PRO A 94 -24.05 20.38 -18.68
CA PRO A 94 -24.11 20.75 -17.26
C PRO A 94 -25.12 19.94 -16.43
N GLY A 95 -24.67 19.44 -15.27
CA GLY A 95 -25.50 18.64 -14.36
C GLY A 95 -24.66 17.69 -13.52
N SER A 96 -25.25 17.15 -12.44
CA SER A 96 -24.57 16.32 -11.42
C SER A 96 -24.99 14.85 -11.56
N VAL A 97 -24.07 13.94 -11.26
CA VAL A 97 -24.32 12.47 -11.15
C VAL A 97 -24.74 12.16 -9.72
N GLU A 98 -25.95 11.64 -9.53
CA GLU A 98 -26.44 11.16 -8.22
C GLU A 98 -25.56 9.99 -7.77
N ASN A 99 -25.10 10.00 -6.50
CA ASN A 99 -24.27 8.94 -5.89
C ASN A 99 -23.01 8.69 -6.74
N LEU A 100 -22.28 9.76 -7.08
CA LEU A 100 -21.10 9.71 -7.99
C LEU A 100 -20.00 8.86 -7.37
N GLU A 101 -19.77 9.02 -6.06
CA GLU A 101 -18.69 8.30 -5.32
C GLU A 101 -18.95 6.79 -5.37
N GLU A 102 -20.21 6.37 -5.17
CA GLU A 102 -20.59 4.93 -5.18
C GLU A 102 -20.45 4.36 -6.59
N LEU A 103 -20.73 5.15 -7.64
CA LEU A 103 -20.57 4.73 -9.06
C LEU A 103 -19.09 4.47 -9.34
N ARG A 104 -18.23 5.44 -9.03
CA ARG A 104 -16.76 5.36 -9.23
C ARG A 104 -16.21 4.16 -8.44
N PHE A 105 -16.74 3.90 -7.24
CA PHE A 105 -16.32 2.76 -6.38
C PHE A 105 -16.61 1.43 -7.08
N VAL A 106 -17.88 1.17 -7.43
CA VAL A 106 -18.33 -0.13 -8.00
C VAL A 106 -17.63 -0.35 -9.34
N PHE A 107 -17.48 0.70 -10.16
CA PHE A 107 -16.78 0.62 -11.48
C PHE A 107 -15.31 0.25 -11.25
N SER A 108 -14.60 1.00 -10.41
CA SER A 108 -13.13 0.87 -10.19
C SER A 108 -12.78 -0.45 -9.47
N ASN A 109 -13.71 -1.02 -8.70
CA ASN A 109 -13.50 -2.26 -7.93
C ASN A 109 -13.59 -3.50 -8.84
N ALA A 110 -14.18 -3.36 -10.03
CA ALA A 110 -14.21 -4.40 -11.08
C ALA A 110 -12.81 -4.54 -11.68
N ALA A 111 -12.54 -5.66 -12.35
CA ALA A 111 -11.26 -5.96 -13.04
C ALA A 111 -11.33 -5.53 -14.51
N SER A 112 -12.54 -5.53 -15.09
CA SER A 112 -12.77 -5.18 -16.53
C SER A 112 -14.26 -4.93 -16.78
N TYR A 113 -14.58 -4.37 -17.95
CA TYR A 113 -15.97 -4.17 -18.43
C TYR A 113 -16.08 -4.55 -19.91
N LYS A 114 -17.29 -4.99 -20.30
CA LYS A 114 -17.74 -5.07 -21.71
C LYS A 114 -18.91 -4.10 -21.88
N ARG A 115 -18.87 -3.24 -22.90
CA ARG A 115 -20.00 -2.35 -23.27
C ARG A 115 -21.08 -3.20 -23.93
N ILE A 116 -22.28 -3.24 -23.36
CA ILE A 116 -23.45 -4.02 -23.84
C ILE A 116 -24.50 -3.02 -24.34
N ARG A 117 -24.97 -3.16 -25.59
CA ARG A 117 -26.12 -2.37 -26.10
C ARG A 117 -27.38 -2.86 -25.38
N LEU A 118 -28.09 -1.96 -24.70
CA LEU A 118 -29.34 -2.24 -23.96
C LEU A 118 -30.55 -1.97 -24.87
N PHE A 119 -30.44 -0.94 -25.72
CA PHE A 119 -31.55 -0.43 -26.57
C PHE A 119 -31.02 0.12 -27.90
N ASP A 120 -31.83 -0.01 -28.94
CA ASP A 120 -31.67 0.64 -30.27
C ASP A 120 -32.85 1.62 -30.45
N TYR A 121 -32.57 2.92 -30.51
CA TYR A 121 -33.59 4.01 -30.49
C TYR A 121 -33.91 4.49 -31.92
N SER A 122 -33.35 3.84 -32.95
CA SER A 122 -33.67 4.09 -34.38
C SER A 122 -35.10 3.58 -34.68
N ARG A 123 -35.52 2.50 -34.01
CA ARG A 123 -36.83 1.83 -34.21
C ARG A 123 -37.90 2.48 -33.31
N TRP A 124 -37.51 3.38 -32.40
CA TRP A 124 -38.43 4.07 -31.44
C TRP A 124 -39.23 5.16 -32.16
N ASN A 125 -40.31 5.63 -31.55
CA ASN A 125 -41.24 6.65 -32.10
C ASN A 125 -40.83 8.04 -31.62
N VAL A 126 -39.55 8.37 -31.78
CA VAL A 126 -38.92 9.65 -31.34
C VAL A 126 -37.79 10.01 -32.31
N THR A 127 -37.38 11.28 -32.32
CA THR A 127 -36.08 11.72 -32.89
C THR A 127 -34.99 11.39 -31.86
N SER A 128 -34.12 10.42 -32.17
CA SER A 128 -33.03 9.95 -31.29
C SER A 128 -31.70 10.54 -31.78
N SER A 129 -30.66 10.45 -30.93
CA SER A 129 -29.26 10.86 -31.21
C SER A 129 -29.15 12.39 -31.31
N GLY A 130 -29.87 13.11 -30.43
CA GLY A 130 -29.75 14.57 -30.29
C GLY A 130 -28.35 14.97 -29.90
N THR A 131 -27.89 16.15 -30.33
CA THR A 131 -26.50 16.66 -30.15
C THR A 131 -26.53 18.04 -29.49
N SER A 132 -25.37 18.51 -29.04
CA SER A 132 -25.21 19.79 -28.29
C SER A 132 -23.78 20.32 -28.46
N LYS A 133 -23.65 21.65 -28.53
CA LYS A 133 -22.37 22.40 -28.53
C LYS A 133 -21.60 22.14 -27.23
N ALA A 134 -22.33 21.84 -26.14
CA ALA A 134 -21.76 21.50 -24.81
C ALA A 134 -20.93 20.21 -24.91
N CYS A 135 -21.34 19.28 -25.78
CA CYS A 135 -20.74 17.93 -25.93
C CYS A 135 -20.15 17.74 -27.34
N ASN A 136 -19.11 18.51 -27.67
CA ASN A 136 -18.36 18.40 -28.95
C ASN A 136 -17.52 17.12 -28.96
N ALA A 137 -17.49 16.41 -30.09
CA ALA A 137 -16.56 15.30 -30.37
C ALA A 137 -15.14 15.86 -30.51
N SER A 138 -14.13 14.99 -30.50
CA SER A 138 -12.70 15.36 -30.59
C SER A 138 -12.39 15.91 -31.99
N THR A 139 -13.14 15.49 -33.02
CA THR A 139 -12.98 15.90 -34.43
C THR A 139 -13.62 17.26 -34.68
N GLY A 140 -14.42 17.78 -33.74
CA GLY A 140 -14.84 19.20 -33.71
C GLY A 140 -16.34 19.39 -33.72
N GLY A 141 -17.07 18.58 -34.49
CA GLY A 141 -18.54 18.69 -34.64
C GLY A 141 -19.27 18.52 -33.31
N GLN A 142 -20.46 19.12 -33.17
CA GLN A 142 -21.31 18.94 -31.97
C GLN A 142 -21.80 17.49 -31.94
N ALA A 143 -21.77 16.86 -30.77
CA ALA A 143 -22.11 15.43 -30.56
C ALA A 143 -22.86 15.28 -29.24
N PHE A 144 -22.81 14.08 -28.64
CA PHE A 144 -23.46 13.77 -27.34
C PHE A 144 -22.82 12.52 -26.74
N TYR A 145 -23.15 12.21 -25.48
CA TYR A 145 -22.75 10.97 -24.77
C TYR A 145 -23.02 9.76 -25.67
N ARG A 146 -22.15 8.75 -25.63
CA ARG A 146 -22.29 7.50 -26.43
C ARG A 146 -23.14 6.48 -25.66
N SER A 147 -23.20 6.58 -24.32
CA SER A 147 -23.85 5.58 -23.42
C SER A 147 -25.32 5.92 -23.18
N ILE A 148 -25.69 7.20 -23.26
CA ILE A 148 -27.10 7.67 -23.09
C ILE A 148 -27.49 8.49 -24.33
N ASN A 149 -28.77 8.45 -24.71
CA ASN A 149 -29.28 8.96 -26.00
C ASN A 149 -30.33 10.05 -25.75
N TRP A 150 -30.09 11.25 -26.26
CA TRP A 150 -31.04 12.40 -26.17
C TRP A 150 -32.21 12.16 -27.11
N LEU A 151 -33.36 11.74 -26.55
CA LEU A 151 -34.64 11.55 -27.28
C LEU A 151 -35.44 12.86 -27.21
N THR A 152 -35.82 13.39 -28.38
CA THR A 152 -36.75 14.55 -28.52
C THR A 152 -37.99 14.06 -29.27
N LYS A 153 -39.01 14.91 -29.40
CA LYS A 153 -40.30 14.57 -30.05
C LYS A 153 -40.04 14.25 -31.54
N LYS A 154 -40.90 13.41 -32.13
CA LYS A 154 -40.93 13.16 -33.59
C LYS A 154 -41.44 14.43 -34.28
N LYS A 155 -40.87 14.78 -35.43
CA LYS A 155 -40.92 16.13 -36.06
C LYS A 155 -42.34 16.68 -36.12
N PRO A 156 -43.36 15.94 -36.62
CA PRO A 156 -44.74 16.44 -36.60
C PRO A 156 -45.32 16.40 -35.18
N ASP A 157 -44.82 17.30 -34.32
CA ASP A 157 -45.25 17.54 -32.91
C ASP A 157 -45.88 16.28 -32.29
N THR A 158 -45.06 15.24 -32.06
CA THR A 158 -45.50 13.95 -31.46
C THR A 158 -44.44 13.40 -30.49
N TYR A 159 -44.84 13.13 -29.26
CA TYR A 159 -44.07 12.35 -28.24
C TYR A 159 -45.08 11.63 -27.34
N ASP A 160 -45.50 10.42 -27.74
CA ASP A 160 -46.37 9.51 -26.96
C ASP A 160 -45.53 8.80 -25.89
N PHE A 161 -46.18 8.08 -24.99
CA PHE A 161 -45.53 7.19 -24.00
C PHE A 161 -44.85 6.03 -24.76
N ASN A 162 -43.55 6.17 -25.03
CA ASN A 162 -42.68 5.11 -25.60
C ASN A 162 -42.10 4.29 -24.45
N GLU A 163 -42.09 2.95 -24.58
CA GLU A 163 -41.49 2.03 -23.57
C GLU A 163 -40.71 0.93 -24.28
N GLY A 164 -39.69 0.40 -23.60
CA GLY A 164 -38.87 -0.74 -24.05
C GLY A 164 -38.42 -1.61 -22.90
N SER A 165 -38.06 -2.86 -23.18
CA SER A 165 -37.48 -3.83 -22.22
C SER A 165 -36.07 -4.22 -22.66
N TYR A 166 -35.15 -4.39 -21.71
CA TYR A 166 -33.89 -5.15 -21.88
C TYR A 166 -33.81 -6.22 -20.79
N VAL A 167 -33.47 -7.45 -21.18
CA VAL A 167 -33.23 -8.59 -20.25
C VAL A 167 -31.72 -8.84 -20.20
N ASN A 168 -31.12 -8.75 -19.01
CA ASN A 168 -29.71 -9.10 -18.76
C ASN A 168 -29.55 -10.62 -18.86
N ASN A 169 -29.10 -11.12 -20.01
CA ASN A 169 -28.76 -12.55 -20.24
C ASN A 169 -27.25 -12.70 -20.33
N GLU A 170 -26.50 -11.67 -19.89
CA GLU A 170 -25.01 -11.66 -19.85
C GLU A 170 -24.54 -12.40 -18.60
N ASP A 171 -23.24 -12.69 -18.53
CA ASP A 171 -22.60 -13.45 -17.43
C ASP A 171 -22.06 -12.44 -16.39
N GLY A 172 -22.96 -11.69 -15.74
CA GLY A 172 -22.60 -10.71 -14.70
C GLY A 172 -23.63 -9.61 -14.55
N ASP A 173 -23.36 -8.66 -13.64
CA ASP A 173 -24.22 -7.47 -13.38
C ASP A 173 -23.83 -6.36 -14.36
N ILE A 174 -24.79 -5.51 -14.74
CA ILE A 174 -24.60 -4.40 -15.71
C ILE A 174 -24.88 -3.08 -14.99
N ILE A 175 -23.95 -2.11 -15.07
CA ILE A 175 -24.22 -0.69 -14.77
C ILE A 175 -25.01 -0.12 -15.96
N PHE A 176 -26.22 0.38 -15.73
CA PHE A 176 -26.99 1.16 -16.73
C PHE A 176 -27.11 2.60 -16.25
N LEU A 177 -27.18 3.53 -17.20
CA LEU A 177 -27.05 5.00 -16.99
C LEU A 177 -28.21 5.70 -17.70
N TRP A 178 -28.69 6.81 -17.14
CA TRP A 178 -29.68 7.68 -17.81
C TRP A 178 -29.59 9.10 -17.25
N GLY A 179 -30.30 10.03 -17.91
CA GLY A 179 -30.40 11.44 -17.50
C GLY A 179 -31.83 11.92 -17.58
N ILE A 180 -32.13 12.98 -16.85
CA ILE A 180 -33.41 13.75 -16.96
C ILE A 180 -33.04 15.19 -17.30
N HIS A 181 -33.43 15.66 -18.50
CA HIS A 181 -33.14 17.03 -18.99
C HIS A 181 -34.18 18.00 -18.40
N HIS A 182 -33.71 19.11 -17.84
CA HIS A 182 -34.54 20.20 -17.27
C HIS A 182 -34.33 21.46 -18.10
N PRO A 183 -35.22 21.76 -19.07
CA PRO A 183 -35.11 22.98 -19.89
C PRO A 183 -35.23 24.26 -19.06
N PRO A 184 -34.64 25.38 -19.54
CA PRO A 184 -34.69 26.65 -18.81
C PRO A 184 -36.06 27.34 -18.89
N ASN A 185 -36.75 27.20 -20.03
CA ASN A 185 -38.08 27.80 -20.31
C ASN A 185 -39.13 26.70 -20.48
N THR A 186 -40.40 27.05 -20.35
CA THR A 186 -41.58 26.21 -20.68
C THR A 186 -41.73 26.14 -22.21
N LYS A 187 -41.16 27.11 -22.93
CA LYS A 187 -41.13 27.16 -24.42
C LYS A 187 -40.25 26.04 -24.96
N GLU A 188 -39.04 25.89 -24.40
CA GLU A 188 -38.04 24.87 -24.84
C GLU A 188 -38.57 23.46 -24.52
N GLN A 189 -39.22 23.28 -23.37
CA GLN A 189 -39.86 22.01 -22.93
C GLN A 189 -40.80 21.50 -24.03
N THR A 190 -41.61 22.39 -24.61
CA THR A 190 -42.66 22.07 -25.62
C THR A 190 -42.05 21.96 -27.02
N THR A 191 -40.95 22.68 -27.30
CA THR A 191 -40.26 22.65 -28.62
C THR A 191 -39.35 21.41 -28.72
N LEU A 192 -39.00 20.79 -27.58
CA LEU A 192 -38.18 19.55 -27.53
C LEU A 192 -39.08 18.32 -27.33
N TYR A 193 -39.93 18.34 -26.30
CA TYR A 193 -40.62 17.13 -25.76
C TYR A 193 -42.14 17.20 -25.92
N LYS A 194 -42.70 18.33 -26.40
CA LYS A 194 -44.14 18.49 -26.75
C LYS A 194 -44.99 18.65 -25.48
N ASN A 195 -44.84 17.76 -24.49
CA ASN A 195 -45.63 17.75 -23.24
C ASN A 195 -45.02 18.73 -22.23
N ALA A 196 -45.86 19.53 -21.56
CA ALA A 196 -45.46 20.59 -20.60
C ALA A 196 -44.98 19.96 -19.29
N ASN A 197 -45.57 18.82 -18.90
CA ASN A 197 -45.08 17.96 -17.80
C ASN A 197 -45.06 16.50 -18.29
N THR A 198 -43.94 15.81 -18.11
CA THR A 198 -43.69 14.42 -18.60
C THR A 198 -43.53 13.48 -17.39
N LEU A 199 -43.79 12.19 -17.61
CA LEU A 199 -43.45 11.10 -16.66
C LEU A 199 -42.45 10.17 -17.34
N SER A 200 -41.22 10.12 -16.82
CA SER A 200 -40.16 9.17 -17.22
C SER A 200 -39.92 8.18 -16.08
N SER A 201 -40.20 6.90 -16.29
CA SER A 201 -40.00 5.80 -15.30
C SER A 201 -38.86 4.90 -15.75
N VAL A 202 -37.93 4.61 -14.83
CA VAL A 202 -36.85 3.59 -14.99
C VAL A 202 -37.06 2.55 -13.89
N THR A 203 -37.40 1.32 -14.28
CA THR A 203 -37.80 0.23 -13.34
C THR A 203 -37.05 -1.06 -13.69
N THR A 204 -36.77 -1.89 -12.68
CA THR A 204 -36.23 -3.26 -12.80
C THR A 204 -37.03 -4.18 -11.85
N ASN A 205 -36.51 -5.39 -11.61
CA ASN A 205 -37.11 -6.36 -10.65
C ASN A 205 -37.12 -5.74 -9.25
N THR A 206 -36.10 -4.94 -8.89
CA THR A 206 -35.87 -4.41 -7.52
C THR A 206 -36.05 -2.88 -7.44
N ILE A 207 -35.70 -2.12 -8.49
CA ILE A 207 -35.69 -0.62 -8.44
C ILE A 207 -36.96 -0.07 -9.12
N ASN A 208 -37.51 1.02 -8.57
CA ASN A 208 -38.78 1.66 -8.99
C ASN A 208 -38.63 3.18 -8.87
N ARG A 209 -38.25 3.85 -9.97
CA ARG A 209 -37.91 5.29 -10.00
C ARG A 209 -38.68 5.98 -11.13
N SER A 210 -39.20 7.18 -10.86
CA SER A 210 -39.91 8.04 -11.84
C SER A 210 -39.45 9.49 -11.68
N PHE A 211 -39.53 10.26 -12.76
CA PHE A 211 -38.91 11.61 -12.88
C PHE A 211 -39.82 12.53 -13.70
N GLN A 212 -40.06 13.74 -13.17
CA GLN A 212 -40.75 14.84 -13.86
C GLN A 212 -39.76 16.00 -14.02
N PRO A 213 -39.84 16.78 -15.11
CA PRO A 213 -38.92 17.89 -15.34
C PRO A 213 -39.27 19.08 -14.44
N ASN A 214 -38.27 19.91 -14.13
CA ASN A 214 -38.33 21.04 -13.18
C ASN A 214 -37.90 22.31 -13.92
N ILE A 215 -38.81 22.88 -14.70
CA ILE A 215 -38.52 23.99 -15.66
C ILE A 215 -38.23 25.28 -14.87
N GLY A 216 -37.26 26.06 -15.33
CA GLY A 216 -36.78 27.28 -14.67
C GLY A 216 -35.34 27.60 -15.10
N PRO A 217 -34.97 28.91 -15.22
CA PRO A 217 -33.67 29.27 -15.79
C PRO A 217 -32.52 29.06 -14.79
N ARG A 218 -31.58 28.19 -15.12
CA ARG A 218 -30.33 27.97 -14.34
C ARG A 218 -29.26 28.92 -14.84
N PRO A 219 -28.26 29.30 -14.01
CA PRO A 219 -27.12 30.08 -14.48
C PRO A 219 -26.44 29.41 -15.69
N LEU A 220 -25.93 30.23 -16.62
CA LEU A 220 -25.27 29.76 -17.87
C LEU A 220 -23.99 29.00 -17.51
N VAL A 221 -23.90 27.72 -17.90
CA VAL A 221 -22.69 26.86 -17.74
C VAL A 221 -22.41 26.22 -19.10
N ARG A 222 -21.22 26.43 -19.66
CA ARG A 222 -20.81 25.90 -20.99
C ARG A 222 -21.91 26.20 -22.01
N GLY A 223 -22.48 27.41 -21.97
CA GLY A 223 -23.43 27.92 -22.98
C GLY A 223 -24.84 27.37 -22.83
N GLN A 224 -25.16 26.71 -21.70
CA GLN A 224 -26.49 26.10 -21.45
C GLN A 224 -27.10 26.67 -20.17
N GLN A 225 -28.36 27.13 -20.25
CA GLN A 225 -29.22 27.48 -19.09
C GLN A 225 -30.06 26.25 -18.70
N GLY A 226 -30.19 25.27 -19.61
CA GLY A 226 -30.76 23.95 -19.33
C GLY A 226 -29.82 23.14 -18.43
N ARG A 227 -30.34 22.07 -17.82
CA ARG A 227 -29.57 21.20 -16.90
C ARG A 227 -30.07 19.75 -17.04
N MET A 228 -29.17 18.79 -16.88
CA MET A 228 -29.48 17.33 -16.80
C MET A 228 -29.11 16.82 -15.41
N ASP A 229 -30.00 16.03 -14.78
CA ASP A 229 -29.67 15.18 -13.61
C ASP A 229 -29.28 13.79 -14.15
N TYR A 230 -28.09 13.31 -13.80
CA TYR A 230 -27.56 11.99 -14.25
C TYR A 230 -27.82 10.96 -13.16
N TYR A 231 -28.27 9.77 -13.56
CA TYR A 231 -28.61 8.64 -12.66
C TYR A 231 -27.95 7.38 -13.17
N TRP A 232 -27.82 6.38 -12.29
CA TRP A 232 -27.26 5.04 -12.61
C TRP A 232 -27.96 3.98 -11.76
N GLY A 233 -27.92 2.74 -12.21
CA GLY A 233 -28.42 1.57 -11.48
C GLY A 233 -27.62 0.33 -11.85
N ILE A 234 -27.79 -0.76 -11.10
CA ILE A 234 -27.16 -2.08 -11.38
C ILE A 234 -28.29 -3.06 -11.75
N LEU A 235 -28.22 -3.61 -12.96
CA LEU A 235 -29.12 -4.68 -13.45
C LEU A 235 -28.42 -6.02 -13.25
N LYS A 236 -28.89 -6.83 -12.28
CA LYS A 236 -28.24 -8.10 -11.89
C LYS A 236 -28.53 -9.16 -12.97
N ARG A 237 -27.76 -10.24 -12.96
CA ARG A 237 -27.90 -11.41 -13.87
C ARG A 237 -29.37 -11.85 -13.90
N GLY A 238 -29.99 -11.82 -15.08
CA GLY A 238 -31.35 -12.34 -15.31
C GLY A 238 -32.44 -11.29 -15.10
N GLU A 239 -32.10 -10.11 -14.58
CA GLU A 239 -33.09 -9.02 -14.30
C GLU A 239 -33.46 -8.32 -15.61
N THR A 240 -34.68 -7.78 -15.66
CA THR A 240 -35.25 -7.01 -16.80
C THR A 240 -35.27 -5.52 -16.45
N LEU A 241 -34.68 -4.68 -17.31
CA LEU A 241 -34.74 -3.20 -17.22
C LEU A 241 -35.85 -2.70 -18.14
N LYS A 242 -36.84 -1.98 -17.58
CA LYS A 242 -37.97 -1.38 -18.34
C LYS A 242 -37.90 0.14 -18.21
N ILE A 243 -37.94 0.84 -19.35
CA ILE A 243 -37.94 2.33 -19.44
C ILE A 243 -39.23 2.77 -20.13
N ARG A 244 -39.80 3.89 -19.67
CA ARG A 244 -41.09 4.44 -20.17
C ARG A 244 -41.03 5.96 -20.04
N THR A 245 -41.17 6.70 -21.15
CA THR A 245 -41.04 8.18 -21.19
C THR A 245 -41.96 8.77 -22.26
N ASN A 246 -42.48 9.98 -22.00
CA ASN A 246 -43.14 10.85 -23.00
C ASN A 246 -42.37 12.18 -23.09
N GLY A 247 -41.09 12.17 -22.67
CA GLY A 247 -40.17 13.31 -22.82
C GLY A 247 -39.25 13.50 -21.64
N ASN A 248 -38.12 14.17 -21.88
CA ASN A 248 -37.13 14.66 -20.87
C ASN A 248 -36.15 13.53 -20.48
N LEU A 249 -36.45 12.28 -20.83
CA LEU A 249 -35.53 11.13 -20.57
C LEU A 249 -34.37 11.18 -21.56
N ILE A 250 -33.13 11.20 -21.04
CA ILE A 250 -31.89 10.89 -21.78
C ILE A 250 -31.63 9.40 -21.55
N ALA A 251 -32.16 8.55 -22.45
CA ALA A 251 -32.46 7.12 -22.21
C ALA A 251 -31.17 6.29 -22.25
N PRO A 252 -31.11 5.17 -21.49
CA PRO A 252 -29.95 4.28 -21.51
C PRO A 252 -29.75 3.61 -22.86
N GLU A 253 -28.55 3.69 -23.42
CA GLU A 253 -28.20 3.07 -24.74
C GLU A 253 -27.22 1.92 -24.51
N PHE A 254 -26.09 2.20 -23.85
CA PHE A 254 -25.02 1.21 -23.55
C PHE A 254 -24.82 1.09 -22.03
N GLY A 255 -24.86 -0.15 -21.53
CA GLY A 255 -24.50 -0.53 -20.15
C GLY A 255 -23.12 -1.15 -20.09
N TYR A 256 -22.60 -1.37 -18.88
CA TYR A 256 -21.22 -1.88 -18.63
C TYR A 256 -21.30 -3.18 -17.83
N LEU A 257 -21.03 -4.31 -18.49
CA LEU A 257 -20.94 -5.65 -17.86
C LEU A 257 -19.63 -5.74 -17.09
N LEU A 258 -19.69 -5.63 -15.76
CA LEU A 258 -18.50 -5.68 -14.86
C LEU A 258 -18.11 -7.15 -14.64
N LYS A 259 -16.80 -7.42 -14.64
CA LYS A 259 -16.23 -8.77 -14.37
C LYS A 259 -15.07 -8.61 -13.36
N GLY A 260 -14.99 -9.53 -12.39
CA GLY A 260 -13.80 -9.74 -11.56
C GLY A 260 -13.61 -8.65 -10.52
N GLU A 261 -12.43 -8.64 -9.89
CA GLU A 261 -12.05 -7.67 -8.83
C GLU A 261 -10.61 -7.23 -9.08
N SER A 262 -10.39 -5.93 -9.20
CA SER A 262 -9.06 -5.28 -9.27
C SER A 262 -8.61 -4.96 -7.84
N HIS A 263 -7.54 -4.18 -7.69
CA HIS A 263 -7.10 -3.60 -6.39
C HIS A 263 -8.16 -2.60 -5.90
N GLY A 264 -9.05 -2.14 -6.80
CA GLY A 264 -10.18 -1.26 -6.47
C GLY A 264 -9.70 0.08 -5.96
N ARG A 265 -8.68 0.64 -6.61
CA ARG A 265 -8.05 1.95 -6.28
C ARG A 265 -8.28 2.94 -7.43
N ILE A 266 -8.57 4.20 -7.07
CA ILE A 266 -8.48 5.37 -7.99
C ILE A 266 -7.44 6.32 -7.40
N ILE A 267 -6.24 6.34 -7.99
CA ILE A 267 -5.11 7.22 -7.58
C ILE A 267 -5.25 8.55 -8.31
N GLN A 268 -5.36 9.64 -7.54
CA GLN A 268 -5.42 11.03 -8.07
C GLN A 268 -4.02 11.63 -7.95
N ASN A 269 -3.19 11.41 -8.97
CA ASN A 269 -1.75 11.81 -9.02
C ASN A 269 -1.47 12.42 -10.40
N GLU A 270 -0.63 13.47 -10.44
CA GLU A 270 -0.30 14.23 -11.68
C GLU A 270 1.01 13.71 -12.28
N ASP A 271 2.09 13.67 -11.48
CA ASP A 271 3.50 13.73 -11.98
C ASP A 271 4.22 12.37 -11.93
N ILE A 272 3.62 11.32 -11.34
CA ILE A 272 4.23 9.96 -11.38
C ILE A 272 3.77 9.26 -12.64
N PRO A 273 4.70 8.93 -13.57
CA PRO A 273 4.34 8.30 -14.85
C PRO A 273 3.94 6.82 -14.70
N ILE A 274 3.14 6.31 -15.64
CA ILE A 274 2.91 4.84 -15.80
C ILE A 274 4.24 4.27 -16.31
N GLY A 275 4.70 3.16 -15.71
CA GLY A 275 5.99 2.53 -16.03
C GLY A 275 5.79 1.19 -16.74
N ASN A 276 6.75 0.80 -17.57
CA ASN A 276 6.86 -0.55 -18.18
C ASN A 276 7.68 -1.42 -17.23
N CYS A 277 7.10 -1.71 -16.06
CA CYS A 277 7.74 -2.46 -14.93
C CYS A 277 6.70 -3.41 -14.33
N HIS A 278 7.18 -4.44 -13.62
CA HIS A 278 6.36 -5.36 -12.79
C HIS A 278 6.85 -5.29 -11.34
N THR A 279 5.92 -5.23 -10.39
CA THR A 279 6.23 -5.08 -8.94
C THR A 279 5.32 -6.01 -8.11
N LYS A 280 5.81 -6.45 -6.96
CA LYS A 280 5.03 -7.19 -5.93
C LYS A 280 4.33 -6.16 -5.02
N CYS A 281 4.94 -4.99 -4.85
CA CYS A 281 4.43 -3.88 -4.00
C CYS A 281 4.36 -2.58 -4.81
N GLN A 282 3.14 -2.10 -5.10
CA GLN A 282 2.90 -0.77 -5.73
C GLN A 282 2.29 0.16 -4.67
N THR A 283 3.06 1.17 -4.24
CA THR A 283 2.58 2.28 -3.38
C THR A 283 2.16 3.45 -4.30
N TYR A 284 1.46 4.44 -3.74
CA TYR A 284 0.95 5.62 -4.48
C TYR A 284 2.11 6.57 -4.81
N ALA A 285 3.28 6.37 -4.20
CA ALA A 285 4.53 7.15 -4.45
C ALA A 285 5.54 6.33 -5.26
N GLY A 286 5.17 5.13 -5.72
CA GLY A 286 6.03 4.29 -6.59
C GLY A 286 6.15 2.86 -6.10
N ALA A 287 6.82 2.02 -6.89
CA ALA A 287 6.95 0.56 -6.70
C ALA A 287 8.12 0.25 -5.75
N ILE A 288 7.93 -0.73 -4.87
CA ILE A 288 8.95 -1.14 -3.84
C ILE A 288 9.36 -2.59 -4.11
N ASN A 289 10.66 -2.87 -4.01
CA ASN A 289 11.24 -4.23 -4.11
C ASN A 289 12.14 -4.48 -2.88
N SER A 290 11.56 -5.00 -1.79
CA SER A 290 12.21 -5.06 -0.46
C SER A 290 11.66 -6.20 0.39
N SER A 291 12.52 -6.77 1.24
CA SER A 291 12.17 -7.76 2.29
C SER A 291 12.13 -7.07 3.67
N LYS A 292 12.51 -5.79 3.74
CA LYS A 292 12.48 -4.99 5.00
C LYS A 292 11.04 -4.90 5.50
N PRO A 293 10.82 -4.92 6.83
CA PRO A 293 9.45 -4.90 7.37
C PRO A 293 8.69 -3.58 7.18
N PHE A 294 9.39 -2.46 6.99
CA PHE A 294 8.79 -1.10 6.91
C PHE A 294 9.24 -0.38 5.64
N GLN A 295 8.48 0.66 5.27
CA GLN A 295 8.79 1.60 4.17
C GLN A 295 8.20 2.96 4.52
N ASN A 296 8.77 4.04 3.99
CA ASN A 296 8.35 5.43 4.26
C ASN A 296 7.87 6.08 2.96
N ALA A 297 7.50 5.26 1.97
CA ALA A 297 7.04 5.70 0.63
C ALA A 297 5.62 6.28 0.71
N SER A 298 4.66 5.49 1.20
CA SER A 298 3.22 5.87 1.22
C SER A 298 2.44 4.93 2.14
N ARG A 299 1.39 5.45 2.80
CA ARG A 299 0.45 4.61 3.60
C ARG A 299 -0.53 3.91 2.66
N HIS A 300 -0.63 4.38 1.41
CA HIS A 300 -1.51 3.80 0.37
C HIS A 300 -0.68 2.88 -0.54
N TYR A 301 -1.00 1.59 -0.55
CA TYR A 301 -0.28 0.58 -1.38
C TYR A 301 -1.22 -0.59 -1.71
N MET A 302 -0.76 -1.43 -2.63
CA MET A 302 -1.47 -2.67 -3.06
C MET A 302 -0.43 -3.74 -3.36
N GLY A 303 -0.82 -5.01 -3.27
CA GLY A 303 0.10 -6.16 -3.36
C GLY A 303 0.57 -6.60 -1.99
N GLU A 304 1.81 -7.07 -1.90
CA GLU A 304 2.46 -7.53 -0.64
C GLU A 304 3.56 -6.54 -0.27
N CYS A 305 3.29 -5.64 0.68
CA CYS A 305 4.07 -4.41 0.95
C CYS A 305 4.58 -4.37 2.39
N PRO A 306 5.77 -3.77 2.63
CA PRO A 306 6.20 -3.45 3.99
C PRO A 306 5.22 -2.44 4.60
N LYS A 307 5.09 -2.46 5.93
CA LYS A 307 4.19 -1.58 6.71
C LYS A 307 4.68 -0.14 6.58
N TYR A 308 3.77 0.83 6.47
CA TYR A 308 4.14 2.26 6.36
C TYR A 308 4.51 2.82 7.74
N VAL A 309 5.67 3.48 7.81
CA VAL A 309 6.11 4.32 8.97
C VAL A 309 6.67 5.64 8.41
N LYS A 310 6.26 6.77 8.99
CA LYS A 310 6.82 8.12 8.72
C LYS A 310 8.13 8.28 9.51
N LYS A 311 9.16 7.53 9.14
CA LYS A 311 10.50 7.58 9.78
C LYS A 311 11.57 7.32 8.73
N ALA A 312 12.66 8.08 8.79
CA ALA A 312 13.84 7.97 7.90
C ALA A 312 14.51 6.61 8.10
N SER A 313 14.59 6.15 9.34
CA SER A 313 15.48 5.03 9.76
C SER A 313 14.96 4.38 11.06
N LEU A 314 14.96 3.05 11.10
CA LEU A 314 14.85 2.24 12.34
C LEU A 314 15.91 1.15 12.27
N ARG A 315 17.10 1.43 12.82
CA ARG A 315 18.27 0.52 12.78
C ARG A 315 18.21 -0.42 14.00
N LEU A 316 18.22 -1.73 13.75
CA LEU A 316 18.16 -2.81 14.77
C LEU A 316 19.57 -3.33 15.02
N ALA A 317 19.98 -3.37 16.29
CA ALA A 317 21.24 -4.02 16.74
C ALA A 317 21.15 -5.51 16.46
N VAL A 318 22.18 -6.08 15.82
CA VAL A 318 22.35 -7.54 15.62
C VAL A 318 23.56 -7.97 16.44
N GLY A 319 24.68 -7.27 16.26
CA GLY A 319 25.93 -7.50 17.00
C GLY A 319 25.91 -6.78 18.34
N LEU A 320 27.09 -6.60 18.92
CA LEU A 320 27.29 -6.11 20.31
C LEU A 320 27.84 -4.69 20.27
N ARG A 321 27.90 -4.03 21.43
CA ARG A 321 28.46 -2.66 21.56
C ARG A 321 29.86 -2.65 20.96
N ASN A 322 30.11 -1.78 19.98
CA ASN A 322 31.43 -1.63 19.31
C ASN A 322 32.31 -0.73 20.18
N THR A 323 33.42 -1.28 20.69
CA THR A 323 34.37 -0.59 21.61
C THR A 323 35.68 -0.37 20.89
N PRO A 324 36.48 0.65 21.28
CA PRO A 324 37.85 0.79 20.79
C PRO A 324 38.61 -0.50 21.14
N SER A 325 39.33 -1.07 20.17
CA SER A 325 40.00 -2.40 20.29
C SER A 325 41.17 -2.29 21.28
N ILE A 326 41.45 -3.39 21.98
CA ILE A 326 42.64 -3.58 22.85
C ILE A 326 43.44 -4.77 22.30
N GLU A 327 44.75 -4.78 22.51
CA GLU A 327 45.66 -5.87 22.05
C GLU A 327 45.42 -7.10 22.93
N PRO A 328 45.17 -8.29 22.33
CA PRO A 328 44.99 -9.53 23.12
C PRO A 328 46.08 -9.77 24.16
N GLY B 1 27.62 -1.76 30.99
CA GLY B 1 26.33 -2.43 30.63
C GLY B 1 25.78 -3.25 31.78
N LEU B 2 24.64 -3.91 31.58
CA LEU B 2 23.84 -4.55 32.65
C LEU B 2 24.67 -5.63 33.36
N PHE B 3 25.49 -6.40 32.62
CA PHE B 3 26.22 -7.58 33.14
C PHE B 3 27.70 -7.27 33.41
N GLY B 4 28.18 -6.08 33.00
CA GLY B 4 29.46 -5.50 33.45
C GLY B 4 30.69 -6.07 32.73
N ALA B 5 30.52 -6.86 31.66
CA ALA B 5 31.62 -7.52 30.93
C ALA B 5 32.07 -6.63 29.76
N ILE B 6 31.19 -6.39 28.77
CA ILE B 6 31.52 -5.61 27.56
C ILE B 6 31.66 -4.13 27.93
N ALA B 7 32.77 -3.49 27.54
CA ALA B 7 33.17 -2.13 27.94
C ALA B 7 33.16 -2.05 29.47
N GLY B 8 33.53 -3.15 30.14
CA GLY B 8 33.48 -3.33 31.60
C GLY B 8 34.77 -3.93 32.12
N PHE B 9 34.70 -5.10 32.76
CA PHE B 9 35.91 -5.77 33.34
C PHE B 9 36.79 -6.26 32.19
N ILE B 10 36.21 -6.51 31.00
CA ILE B 10 36.98 -6.64 29.72
C ILE B 10 36.81 -5.33 28.95
N GLU B 11 37.86 -4.49 28.94
CA GLU B 11 37.75 -3.03 28.66
C GLU B 11 37.45 -2.78 27.17
N GLY B 12 37.89 -3.67 26.28
CA GLY B 12 37.72 -3.48 24.84
C GLY B 12 37.63 -4.80 24.09
N GLY B 13 37.21 -4.73 22.83
CA GLY B 13 37.12 -5.91 21.94
C GLY B 13 38.45 -6.18 21.27
N TRP B 14 38.51 -7.26 20.49
CA TRP B 14 39.66 -7.68 19.66
C TRP B 14 39.31 -7.49 18.19
N SER B 15 40.08 -6.66 17.48
CA SER B 15 39.91 -6.34 16.05
C SER B 15 40.18 -7.60 15.19
N GLY B 16 40.96 -8.55 15.71
CA GLY B 16 41.33 -9.78 15.00
C GLY B 16 40.19 -10.80 14.93
N MET B 17 39.23 -10.72 15.85
CA MET B 17 38.13 -11.72 15.95
C MET B 17 37.00 -11.35 14.98
N ILE B 18 37.06 -11.92 13.77
CA ILE B 18 36.20 -11.52 12.61
C ILE B 18 35.06 -12.53 12.44
N ASP B 19 35.32 -13.83 12.64
CA ASP B 19 34.37 -14.94 12.35
C ASP B 19 33.54 -15.30 13.59
N GLY B 20 33.57 -14.47 14.64
CA GLY B 20 32.82 -14.74 15.88
C GLY B 20 32.75 -13.54 16.80
N TRP B 21 31.75 -13.51 17.68
CA TRP B 21 31.50 -12.38 18.61
C TRP B 21 32.31 -12.55 19.90
N TYR B 22 32.50 -13.80 20.34
CA TYR B 22 33.18 -14.15 21.62
C TYR B 22 34.22 -15.23 21.35
N GLY B 23 35.33 -15.19 22.07
CA GLY B 23 36.41 -16.18 21.87
C GLY B 23 37.53 -16.05 22.88
N PHE B 24 38.65 -16.72 22.59
CA PHE B 24 39.79 -16.96 23.50
C PHE B 24 41.08 -16.43 22.89
N HIS B 25 41.95 -15.90 23.75
CA HIS B 25 43.40 -15.71 23.52
C HIS B 25 44.15 -16.56 24.55
N HIS B 26 45.21 -17.26 24.12
CA HIS B 26 46.09 -18.05 25.02
C HIS B 26 47.55 -17.74 24.69
N SER B 27 48.42 -17.81 25.70
CA SER B 27 49.89 -17.80 25.59
C SER B 27 50.48 -18.88 26.51
N ASN B 28 51.34 -19.74 25.95
CA ASN B 28 52.09 -20.78 26.70
C ASN B 28 53.50 -20.86 26.11
N SER B 29 54.27 -21.89 26.47
CA SER B 29 55.65 -22.13 25.98
C SER B 29 55.65 -22.33 24.46
N GLU B 30 54.58 -22.92 23.91
CA GLU B 30 54.47 -23.30 22.48
C GLU B 30 54.01 -22.10 21.62
N GLY B 31 53.63 -20.99 22.24
CA GLY B 31 53.35 -19.72 21.55
C GLY B 31 51.97 -19.17 21.87
N THR B 32 51.29 -18.64 20.85
CA THR B 32 50.16 -17.70 20.99
C THR B 32 49.03 -18.10 20.03
N GLY B 33 47.78 -17.87 20.45
CA GLY B 33 46.58 -18.14 19.64
C GLY B 33 45.43 -17.24 20.03
N MET B 34 44.60 -16.87 19.05
CA MET B 34 43.32 -16.15 19.26
C MET B 34 42.31 -16.67 18.24
N ALA B 35 41.15 -17.12 18.71
CA ALA B 35 40.08 -17.72 17.87
C ALA B 35 38.72 -17.47 18.53
N ALA B 36 37.68 -17.32 17.71
CA ALA B 36 36.26 -17.28 18.15
C ALA B 36 35.90 -18.60 18.82
N ASP B 37 35.01 -18.56 19.82
CA ASP B 37 34.37 -19.75 20.43
C ASP B 37 33.07 -20.01 19.68
N GLN B 38 33.03 -21.07 18.86
CA GLN B 38 31.93 -21.29 17.89
C GLN B 38 30.64 -21.63 18.63
N LYS B 39 30.71 -22.34 19.77
CA LYS B 39 29.52 -22.77 20.54
C LYS B 39 28.76 -21.54 21.08
N SER B 40 29.43 -20.69 21.88
CA SER B 40 28.83 -19.46 22.46
C SER B 40 28.41 -18.50 21.34
N THR B 41 29.22 -18.37 20.29
CA THR B 41 28.94 -17.51 19.11
C THR B 41 27.67 -18.02 18.40
N GLN B 42 27.56 -19.33 18.13
CA GLN B 42 26.45 -19.91 17.35
C GLN B 42 25.15 -19.85 18.16
N GLU B 43 25.22 -20.04 19.48
CA GLU B 43 24.05 -19.88 20.41
C GLU B 43 23.50 -18.45 20.29
N ALA B 44 24.38 -17.44 20.25
CA ALA B 44 24.00 -16.01 20.16
C ALA B 44 23.39 -15.74 18.78
N ILE B 45 23.99 -16.27 17.72
CA ILE B 45 23.49 -16.12 16.32
C ILE B 45 22.05 -16.66 16.26
N ASP B 46 21.81 -17.86 16.81
CA ASP B 46 20.47 -18.52 16.79
C ASP B 46 19.44 -17.60 17.48
N LYS B 47 19.82 -16.99 18.60
CA LYS B 47 18.91 -16.15 19.44
C LYS B 47 18.54 -14.88 18.68
N ILE B 48 19.52 -14.16 18.12
CA ILE B 48 19.26 -12.89 17.38
C ILE B 48 18.49 -13.20 16.09
N THR B 49 18.78 -14.33 15.44
CA THR B 49 18.07 -14.81 14.23
C THR B 49 16.59 -15.02 14.57
N ASN B 50 16.32 -15.70 15.70
CA ASN B 50 14.94 -15.97 16.20
C ASN B 50 14.25 -14.62 16.45
N LYS B 51 14.93 -13.68 17.11
CA LYS B 51 14.40 -12.34 17.44
C LYS B 51 14.01 -11.61 16.15
N VAL B 52 14.94 -11.52 15.20
CA VAL B 52 14.74 -10.80 13.90
C VAL B 52 13.53 -11.40 13.18
N ASN B 53 13.49 -12.73 13.06
CA ASN B 53 12.39 -13.47 12.35
C ASN B 53 11.05 -13.17 13.04
N ASN B 54 11.03 -13.07 14.37
CA ASN B 54 9.82 -12.77 15.16
C ASN B 54 9.37 -11.33 14.87
N ILE B 55 10.31 -10.38 14.86
CA ILE B 55 10.04 -8.93 14.58
C ILE B 55 9.43 -8.81 13.18
N VAL B 56 10.02 -9.46 12.18
CA VAL B 56 9.55 -9.41 10.76
C VAL B 56 8.15 -10.08 10.67
N ASP B 57 7.94 -11.23 11.32
CA ASP B 57 6.65 -11.96 11.30
C ASP B 57 5.54 -11.14 11.95
N LYS B 58 5.83 -10.42 13.04
CA LYS B 58 4.80 -9.68 13.83
C LYS B 58 4.44 -8.37 13.12
N MET B 59 5.25 -7.93 12.15
CA MET B 59 5.05 -6.66 11.39
C MET B 59 4.54 -6.90 9.97
N ASN B 60 4.38 -8.15 9.52
CA ASN B 60 4.06 -8.47 8.10
C ASN B 60 2.65 -9.04 7.97
N ARG B 61 1.82 -8.96 9.02
CA ARG B 61 0.40 -9.42 8.95
C ARG B 61 -0.33 -8.48 7.98
N GLU B 62 -1.33 -9.01 7.27
CA GLU B 62 -1.98 -8.33 6.12
C GLU B 62 -2.61 -7.03 6.61
N PHE B 63 -2.36 -5.95 5.86
CA PHE B 63 -2.80 -4.56 6.17
C PHE B 63 -2.90 -3.79 4.86
N GLU B 64 -3.89 -2.90 4.76
CA GLU B 64 -4.29 -2.21 3.52
C GLU B 64 -5.08 -0.96 3.87
N VAL B 65 -4.75 0.19 3.27
CA VAL B 65 -5.57 1.43 3.36
C VAL B 65 -6.05 1.79 1.96
N VAL B 66 -7.27 1.37 1.61
CA VAL B 66 -8.00 1.83 0.38
C VAL B 66 -8.38 3.29 0.61
N ASN B 67 -7.94 4.19 -0.27
CA ASN B 67 -8.37 5.61 -0.25
C ASN B 67 -9.83 5.67 -0.69
N HIS B 68 -10.62 6.55 -0.08
CA HIS B 68 -12.07 6.72 -0.37
C HIS B 68 -12.33 8.16 -0.83
N GLU B 69 -13.39 8.33 -1.62
CA GLU B 69 -13.89 9.64 -2.11
C GLU B 69 -15.22 9.93 -1.43
N PHE B 70 -15.50 11.19 -1.12
CA PHE B 70 -16.70 11.65 -0.39
C PHE B 70 -17.25 12.90 -1.08
N SER B 71 -18.58 13.06 -1.09
CA SER B 71 -19.29 14.26 -1.60
C SER B 71 -19.08 15.42 -0.63
N GLU B 72 -19.50 16.63 -1.03
CA GLU B 72 -19.38 17.85 -0.20
C GLU B 72 -20.38 17.81 0.96
N VAL B 73 -21.38 16.90 0.92
CA VAL B 73 -22.37 16.71 2.02
C VAL B 73 -22.02 15.44 2.82
N GLU B 74 -20.80 14.92 2.68
CA GLU B 74 -20.29 13.76 3.46
C GLU B 74 -19.01 14.15 4.19
N LYS B 75 -18.99 15.36 4.76
CA LYS B 75 -17.79 15.94 5.45
C LYS B 75 -17.53 15.18 6.77
N ARG B 76 -18.57 14.82 7.52
CA ARG B 76 -18.43 14.11 8.83
C ARG B 76 -17.81 12.73 8.59
N ILE B 77 -18.34 11.97 7.63
CA ILE B 77 -17.87 10.60 7.26
C ILE B 77 -16.43 10.69 6.77
N ASN B 78 -16.13 11.69 5.93
CA ASN B 78 -14.77 11.96 5.38
C ASN B 78 -13.78 12.14 6.55
N MET B 79 -14.15 12.95 7.55
CA MET B 79 -13.32 13.23 8.75
C MET B 79 -13.16 11.95 9.59
N ILE B 80 -14.22 11.16 9.71
CA ILE B 80 -14.21 9.88 10.49
C ILE B 80 -13.25 8.90 9.82
N ASN B 81 -13.31 8.78 8.49
CA ASN B 81 -12.42 7.88 7.71
C ASN B 81 -10.96 8.31 7.92
N ASP B 82 -10.68 9.61 7.80
CA ASP B 82 -9.33 10.20 7.96
C ASP B 82 -8.81 9.91 9.39
N LYS B 83 -9.68 10.02 10.40
CA LYS B 83 -9.36 9.73 11.82
C LYS B 83 -8.90 8.28 11.96
N ILE B 84 -9.63 7.32 11.39
CA ILE B 84 -9.29 5.87 11.45
C ILE B 84 -7.86 5.69 10.95
N ASP B 85 -7.59 6.16 9.73
CA ASP B 85 -6.30 5.95 9.01
C ASP B 85 -5.17 6.62 9.82
N ASP B 86 -5.37 7.85 10.31
CA ASP B 86 -4.36 8.59 11.12
C ASP B 86 -4.08 7.86 12.43
N GLN B 87 -5.11 7.41 13.14
CA GLN B 87 -4.97 6.92 14.54
C GLN B 87 -4.42 5.49 14.54
N ILE B 88 -4.77 4.66 13.55
CA ILE B 88 -4.21 3.29 13.41
C ILE B 88 -2.73 3.39 13.00
N GLU B 89 -2.42 4.25 12.04
CA GLU B 89 -1.03 4.53 11.58
C GLU B 89 -0.18 4.99 12.77
N ASP B 90 -0.77 5.83 13.63
CA ASP B 90 -0.13 6.40 14.84
C ASP B 90 0.16 5.27 15.85
N LEU B 91 -0.73 4.30 16.00
CA LEU B 91 -0.53 3.18 16.96
C LEU B 91 0.58 2.24 16.44
N TRP B 92 0.63 2.02 15.13
CA TRP B 92 1.70 1.20 14.48
C TRP B 92 3.05 1.89 14.57
N ALA B 93 3.09 3.23 14.47
CA ALA B 93 4.33 4.04 14.62
C ALA B 93 4.90 3.85 16.03
N TYR B 94 4.05 3.89 17.05
CA TYR B 94 4.41 3.61 18.47
C TYR B 94 5.03 2.21 18.58
N ASN B 95 4.33 1.19 18.06
CA ASN B 95 4.74 -0.24 18.13
C ASN B 95 6.14 -0.42 17.52
N ALA B 96 6.36 0.09 16.32
CA ALA B 96 7.62 -0.08 15.54
C ALA B 96 8.78 0.60 16.28
N GLU B 97 8.61 1.87 16.64
CA GLU B 97 9.65 2.70 17.30
C GLU B 97 10.01 2.09 18.65
N LEU B 98 9.00 1.80 19.48
CA LEU B 98 9.20 1.28 20.86
C LEU B 98 9.89 -0.10 20.78
N LEU B 99 9.47 -0.96 19.86
CA LEU B 99 10.01 -2.35 19.73
C LEU B 99 11.52 -2.28 19.42
N VAL B 100 11.94 -1.37 18.55
CA VAL B 100 13.38 -1.20 18.16
C VAL B 100 14.16 -0.68 19.36
N LEU B 101 13.65 0.34 20.08
CA LEU B 101 14.33 0.92 21.27
C LEU B 101 14.46 -0.14 22.38
N LEU B 102 13.40 -0.91 22.61
CA LEU B 102 13.33 -1.96 23.67
C LEU B 102 14.27 -3.12 23.33
N GLU B 103 14.20 -3.62 22.09
CA GLU B 103 14.96 -4.84 21.67
C GLU B 103 16.44 -4.49 21.47
N ASN B 104 16.76 -3.28 21.02
CA ASN B 104 18.17 -2.79 20.94
C ASN B 104 18.77 -2.79 22.36
N GLN B 105 18.01 -2.35 23.36
CA GLN B 105 18.48 -2.34 24.78
C GLN B 105 18.80 -3.78 25.20
N LYS B 106 17.89 -4.72 24.93
CA LYS B 106 18.00 -6.13 25.36
C LYS B 106 19.12 -6.84 24.58
N THR B 107 19.20 -6.65 23.26
CA THR B 107 20.21 -7.32 22.39
C THR B 107 21.61 -7.01 22.92
N LEU B 108 21.91 -5.75 23.22
CA LEU B 108 23.25 -5.31 23.68
C LEU B 108 23.54 -5.92 25.06
N ASP B 109 22.53 -5.98 25.94
CA ASP B 109 22.64 -6.60 27.29
C ASP B 109 22.81 -8.12 27.15
N GLU B 110 22.10 -8.76 26.22
CA GLU B 110 22.16 -10.23 25.98
C GLU B 110 23.60 -10.61 25.57
N HIS B 111 24.24 -9.82 24.69
CA HIS B 111 25.66 -9.99 24.29
C HIS B 111 26.57 -9.87 25.52
N ASP B 112 26.31 -8.90 26.39
CA ASP B 112 27.08 -8.61 27.63
C ASP B 112 27.01 -9.85 28.54
N SER B 113 25.80 -10.41 28.71
CA SER B 113 25.51 -11.66 29.44
C SER B 113 26.30 -12.83 28.86
N ASN B 114 26.33 -12.95 27.53
CA ASN B 114 27.01 -14.07 26.81
C ASN B 114 28.51 -14.05 27.14
N VAL B 115 29.11 -12.86 27.17
CA VAL B 115 30.57 -12.68 27.46
C VAL B 115 30.82 -13.07 28.93
N LYS B 116 30.03 -12.52 29.86
CA LYS B 116 30.16 -12.80 31.32
C LYS B 116 30.04 -14.32 31.56
N ASN B 117 29.07 -14.98 30.93
CA ASN B 117 28.80 -16.44 31.12
C ASN B 117 29.99 -17.26 30.63
N LEU B 118 30.59 -16.88 29.49
CA LEU B 118 31.77 -17.57 28.92
C LEU B 118 32.93 -17.44 29.92
N PHE B 119 33.19 -16.22 30.41
CA PHE B 119 34.24 -15.92 31.42
C PHE B 119 34.00 -16.77 32.67
N ASP B 120 32.78 -16.75 33.22
CA ASP B 120 32.41 -17.48 34.46
C ASP B 120 32.58 -18.99 34.24
N GLU B 121 32.22 -19.48 33.06
CA GLU B 121 32.30 -20.91 32.65
C GLU B 121 33.76 -21.38 32.75
N VAL B 122 34.70 -20.55 32.28
CA VAL B 122 36.17 -20.84 32.30
C VAL B 122 36.68 -20.74 33.74
N LYS B 123 36.29 -19.68 34.46
CA LYS B 123 36.74 -19.42 35.86
C LYS B 123 36.41 -20.64 36.75
N ARG B 124 35.21 -21.21 36.63
CA ARG B 124 34.76 -22.37 37.44
C ARG B 124 35.56 -23.62 37.04
N ARG B 125 35.77 -23.83 35.74
CA ARG B 125 36.45 -25.04 35.20
C ARG B 125 37.92 -25.04 35.65
N LEU B 126 38.58 -23.88 35.64
CA LEU B 126 39.98 -23.71 36.11
C LEU B 126 40.03 -23.84 37.63
N SER B 127 39.04 -23.28 38.33
CA SER B 127 38.88 -23.33 39.80
C SER B 127 40.13 -22.72 40.46
N THR B 128 40.74 -23.42 41.43
CA THR B 128 41.87 -22.95 42.27
C THR B 128 43.19 -23.03 41.50
N ASN B 129 43.21 -23.62 40.30
CA ASN B 129 44.43 -23.85 39.48
C ASN B 129 44.86 -22.58 38.71
N ALA B 130 44.06 -21.51 38.76
CA ALA B 130 44.34 -20.25 38.01
C ALA B 130 44.07 -19.04 38.91
N ILE B 131 44.82 -17.94 38.68
CA ILE B 131 44.64 -16.61 39.33
C ILE B 131 43.89 -15.70 38.35
N ASP B 132 42.80 -15.08 38.82
CA ASP B 132 42.01 -14.07 38.07
C ASP B 132 42.81 -12.76 38.04
N ALA B 133 43.08 -12.22 36.83
CA ALA B 133 43.83 -10.96 36.61
C ALA B 133 42.88 -9.75 36.65
N GLY B 134 41.58 -9.97 36.42
CA GLY B 134 40.52 -8.94 36.54
C GLY B 134 40.30 -8.17 35.25
N ASN B 135 40.82 -8.66 34.13
CA ASN B 135 40.71 -8.07 32.77
C ASN B 135 40.18 -9.13 31.78
N GLY B 136 39.59 -10.20 32.29
CA GLY B 136 39.10 -11.34 31.49
C GLY B 136 40.15 -12.42 31.28
N CYS B 137 41.36 -12.24 31.84
CA CYS B 137 42.51 -13.16 31.69
C CYS B 137 42.73 -13.97 32.97
N PHE B 138 43.18 -15.22 32.82
CA PHE B 138 43.57 -16.15 33.91
C PHE B 138 45.04 -16.54 33.74
N ASP B 139 45.84 -16.37 34.80
CA ASP B 139 47.22 -16.91 34.91
C ASP B 139 47.13 -18.31 35.52
N ILE B 140 47.45 -19.34 34.74
CA ILE B 140 47.34 -20.78 35.13
C ILE B 140 48.58 -21.14 35.96
N LEU B 141 48.39 -21.78 37.12
CA LEU B 141 49.43 -21.99 38.17
C LEU B 141 50.30 -23.20 37.83
N HIS B 142 49.93 -23.98 36.81
CA HIS B 142 50.70 -25.15 36.30
C HIS B 142 51.03 -24.92 34.82
N LYS B 143 51.96 -25.70 34.27
CA LYS B 143 52.27 -25.71 32.81
C LYS B 143 51.03 -26.22 32.07
N CYS B 144 50.57 -25.47 31.06
CA CYS B 144 49.35 -25.75 30.27
C CYS B 144 49.69 -25.67 28.78
N ASN B 145 49.98 -26.82 28.17
CA ASN B 145 50.37 -26.95 26.73
C ASN B 145 49.11 -26.77 25.86
N ASN B 146 49.24 -26.91 24.54
CA ASN B 146 48.14 -26.67 23.56
C ASN B 146 47.00 -27.68 23.82
N GLU B 147 47.34 -28.90 24.22
CA GLU B 147 46.37 -29.97 24.59
C GLU B 147 45.53 -29.49 25.79
N CYS B 148 46.20 -28.99 26.84
CA CYS B 148 45.59 -28.43 28.07
C CYS B 148 44.70 -27.23 27.71
N MET B 149 45.17 -26.34 26.83
CA MET B 149 44.46 -25.11 26.41
C MET B 149 43.15 -25.48 25.70
N GLU B 150 43.20 -26.36 24.70
CA GLU B 150 42.02 -26.83 23.92
C GLU B 150 41.01 -27.50 24.85
N THR B 151 41.52 -28.15 25.90
CA THR B 151 40.74 -28.86 26.95
C THR B 151 39.96 -27.83 27.78
N ILE B 152 40.53 -26.66 28.05
CA ILE B 152 39.85 -25.53 28.74
C ILE B 152 38.78 -24.97 27.79
N LYS B 153 39.13 -24.72 26.52
CA LYS B 153 38.26 -24.05 25.51
C LYS B 153 37.00 -24.88 25.23
N ASN B 154 37.15 -26.21 25.04
CA ASN B 154 36.03 -27.10 24.63
C ASN B 154 35.37 -27.72 25.86
N GLY B 155 35.91 -27.47 27.06
CA GLY B 155 35.24 -27.70 28.35
C GLY B 155 35.34 -29.14 28.85
N THR B 156 36.52 -29.76 28.73
CA THR B 156 36.82 -31.12 29.28
C THR B 156 37.93 -31.02 30.34
N TYR B 157 38.35 -29.81 30.71
CA TYR B 157 39.44 -29.55 31.69
C TYR B 157 39.00 -30.01 33.07
N ASN B 158 39.76 -30.96 33.64
CA ASN B 158 39.58 -31.50 35.01
C ASN B 158 40.69 -30.94 35.89
N HIS B 159 40.36 -30.01 36.80
CA HIS B 159 41.33 -29.23 37.63
C HIS B 159 42.06 -30.13 38.62
N LYS B 160 41.53 -31.34 38.91
CA LYS B 160 42.12 -32.27 39.90
C LYS B 160 43.37 -32.96 39.32
N GLU B 161 43.55 -32.96 37.99
CA GLU B 161 44.77 -33.47 37.31
C GLU B 161 45.99 -32.65 37.75
N TYR B 162 45.81 -31.35 37.99
CA TYR B 162 46.89 -30.37 38.32
C TYR B 162 46.66 -29.80 39.72
C1 NAG C . -18.09 23.27 -29.32
C2 NAG C . -17.65 24.30 -28.29
C3 NAG C . -18.09 25.70 -28.71
C4 NAG C . -17.72 26.00 -30.16
C5 NAG C . -18.23 24.87 -31.05
C6 NAG C . -17.94 25.04 -32.53
C7 NAG C . -17.53 23.96 -25.87
C8 NAG C . -18.31 23.68 -24.62
N2 NAG C . -18.23 23.97 -27.01
O3 NAG C . -17.50 26.65 -27.82
O4 NAG C . -18.34 27.23 -30.53
O5 NAG C . -17.63 23.66 -30.61
O6 NAG C . -16.53 25.12 -32.76
O7 NAG C . -16.33 24.18 -25.84
C1 NAG C . -17.37 28.19 -30.97
C2 NAG C . -18.08 29.30 -31.74
C3 NAG C . -17.11 30.40 -32.14
C4 NAG C . -16.25 30.84 -30.97
C5 NAG C . -15.63 29.63 -30.27
C6 NAG C . -14.80 30.03 -29.05
C7 NAG C . -19.97 28.28 -32.93
C8 NAG C . -20.44 27.75 -34.25
N2 NAG C . -18.73 28.75 -32.92
O3 NAG C . -17.86 31.52 -32.66
O4 NAG C . -15.18 31.66 -31.44
O5 NAG C . -16.64 28.72 -29.87
O6 NAG C . -15.65 30.61 -28.05
O7 NAG C . -20.68 28.25 -31.94
C1 BMA C . -15.44 33.06 -31.23
C2 BMA C . -14.09 33.77 -31.16
C3 BMA C . -14.30 35.26 -30.92
C4 BMA C . -15.27 35.85 -31.91
C5 BMA C . -16.54 35.01 -32.11
C6 BMA C . -17.31 35.48 -33.35
O2 BMA C . -13.39 33.55 -32.38
O3 BMA C . -13.05 35.97 -31.05
O4 BMA C . -15.62 37.16 -31.43
O5 BMA C . -16.23 33.63 -32.28
O6 BMA C . -16.54 35.21 -34.53
C1 MAN C . -12.60 36.44 -29.76
C2 MAN C . -11.49 37.46 -29.94
C3 MAN C . -10.23 36.79 -30.50
C4 MAN C . -9.85 35.61 -29.63
C5 MAN C . -11.03 34.66 -29.44
C6 MAN C . -10.71 33.53 -28.47
O2 MAN C . -11.16 38.04 -28.67
O3 MAN C . -9.17 37.76 -30.55
O4 MAN C . -8.76 34.93 -30.26
O5 MAN C . -12.16 35.38 -28.92
O6 MAN C . -11.81 32.62 -28.41
C1 MAN C . -17.10 35.83 -35.70
C2 MAN C . -16.25 35.44 -36.89
C3 MAN C . -14.87 36.10 -36.81
C4 MAN C . -14.99 37.60 -36.61
C5 MAN C . -15.96 37.95 -35.49
C6 MAN C . -16.22 39.45 -35.43
O2 MAN C . -16.89 35.84 -38.10
O3 MAN C . -14.13 35.83 -38.01
O4 MAN C . -13.69 38.14 -36.32
O5 MAN C . -17.21 37.26 -35.65
O6 MAN C . -17.01 39.88 -36.54
C1 FUC C . -16.10 25.41 -33.99
C2 FUC C . -14.63 25.83 -33.97
C3 FUC C . -13.72 24.63 -33.80
C4 FUC C . -14.05 23.57 -34.85
C5 FUC C . -15.54 23.23 -34.82
C6 FUC C . -15.90 22.23 -35.91
O2 FUC C . -14.40 26.77 -32.92
O3 FUC C . -12.34 25.03 -33.92
O4 FUC C . -13.67 24.04 -36.14
O5 FUC C . -16.32 24.43 -35.00
C1 NAG D . -44.01 2.80 -31.39
C2 NAG D . -43.83 1.94 -30.14
C3 NAG D . -44.32 0.52 -30.41
C4 NAG D . -45.76 0.55 -30.90
C5 NAG D . -45.89 1.49 -32.09
C6 NAG D . -47.35 1.64 -32.55
C7 NAG D . -42.05 2.23 -28.49
C8 NAG D . -40.57 2.20 -28.26
N2 NAG D . -42.44 1.95 -29.74
O3 NAG D . -44.22 -0.25 -29.21
O4 NAG D . -46.19 -0.78 -31.27
O5 NAG D . -45.40 2.79 -31.75
O6 NAG D . -48.09 2.36 -31.57
O7 NAG D . -42.83 2.48 -27.59
C1 NAG D . -47.35 -1.19 -30.54
C2 NAG D . -48.01 -2.35 -31.27
C3 NAG D . -49.19 -2.91 -30.47
C4 NAG D . -48.79 -3.20 -29.03
C5 NAG D . -48.12 -1.97 -28.40
C6 NAG D . -47.63 -2.27 -26.99
C7 NAG D . -47.80 -2.16 -33.71
C8 NAG D . -48.46 -1.65 -34.96
N2 NAG D . -48.47 -1.93 -32.57
O3 NAG D . -49.65 -4.11 -31.10
O4 NAG D . -49.97 -3.57 -28.28
O5 NAG D . -47.01 -1.57 -29.20
O6 NAG D . -46.52 -3.17 -27.03
O7 NAG D . -46.73 -2.75 -33.74
C1 NAG E . 13.98 -7.27 -6.83
C2 NAG E . 14.28 -7.38 -8.32
C3 NAG E . 14.84 -8.76 -8.63
C4 NAG E . 15.92 -9.17 -7.64
C5 NAG E . 15.47 -8.95 -6.19
C6 NAG E . 16.54 -9.33 -5.16
C7 NAG E . 12.88 -6.19 -9.97
C8 NAG E . 11.54 -6.18 -10.63
N2 NAG E . 13.06 -7.17 -9.07
O3 NAG E . 15.37 -8.76 -9.97
O4 NAG E . 16.14 -10.57 -7.83
O5 NAG E . 15.11 -7.58 -6.04
O6 NAG E . 17.70 -8.50 -5.31
O7 NAG E . 13.74 -5.36 -10.24
C1 NAG E . 17.49 -10.84 -8.24
C2 NAG E . 17.67 -12.34 -8.14
C3 NAG E . 19.09 -12.73 -8.53
C4 NAG E . 19.41 -12.19 -9.92
C5 NAG E . 19.09 -10.70 -10.04
C6 NAG E . 19.18 -10.23 -11.49
C7 NAG E . 16.18 -13.51 -6.57
C8 NAG E . 15.95 -13.90 -5.14
N2 NAG E . 17.30 -12.82 -6.82
O3 NAG E . 19.19 -14.15 -8.50
O4 NAG E . 20.79 -12.42 -10.23
O5 NAG E . 17.77 -10.38 -9.57
O6 NAG E . 18.10 -10.79 -12.25
O7 NAG E . 15.38 -13.79 -7.46
C1 NAG F . 12.13 8.43 3.42
C2 NAG F . 11.82 9.90 3.14
C3 NAG F . 12.86 10.44 2.18
C4 NAG F . 14.21 10.37 2.91
C5 NAG F . 14.49 8.93 3.32
C6 NAG F . 15.74 8.84 4.17
C7 NAG F . 9.95 9.62 1.54
C8 NAG F . 8.52 10.00 1.29
N2 NAG F . 10.46 10.12 2.68
O3 NAG F . 12.56 11.79 1.79
O4 NAG F . 15.26 10.88 2.06
O5 NAG F . 13.40 8.38 4.08
O6 NAG F . 15.58 9.68 5.32
O7 NAG F . 10.59 8.92 0.78
C1 NAG F . 15.89 12.03 2.67
C2 NAG F . 17.17 12.35 1.90
C3 NAG F . 17.72 13.76 2.10
C4 NAG F . 16.60 14.80 2.23
C5 NAG F . 15.60 14.31 3.26
C6 NAG F . 14.54 15.35 3.63
C7 NAG F . 18.41 10.23 1.71
C8 NAG F . 19.48 9.37 2.32
N2 NAG F . 18.20 11.39 2.32
O3 NAG F . 18.56 14.10 1.00
O4 NAG F . 17.17 16.06 2.61
O5 NAG F . 14.99 13.14 2.72
O6 NAG F . 13.91 15.87 2.45
O7 NAG F . 17.79 9.86 0.73
C1 NAG G . 40.32 0.00 10.93
C2 NAG G . 41.26 -0.06 9.73
C3 NAG G . 42.72 0.00 10.19
C4 NAG G . 42.95 1.16 11.17
C5 NAG G . 41.90 1.18 12.27
C6 NAG G . 42.05 2.38 13.21
C7 NAG G . 40.94 -1.45 7.69
C8 NAG G . 41.15 -0.25 6.80
N2 NAG G . 41.02 -1.31 9.01
O3 NAG G . 43.59 0.15 9.07
O4 NAG G . 44.26 1.04 11.74
O5 NAG G . 40.59 1.18 11.70
O6 NAG G . 41.93 3.61 12.49
O7 NAG G . 40.71 -2.55 7.20
#